data_5U4P
#
_entry.id   5U4P
#
_cell.length_a   126.210
_cell.length_b   126.210
_cell.length_c   139.870
_cell.angle_alpha   90.00
_cell.angle_beta   90.00
_cell.angle_gamma   120.00
#
_symmetry.space_group_name_H-M   'P 65 2 2'
#
loop_
_entity.id
_entity.type
_entity.pdbx_description
1 polymer '26S proteasome regulatory subunit RPN8'
2 polymer '26S proteasome regulatory subunit RPN11'
3 polymer 'Ubiquitin-40S ribosomal protein S31'
4 non-polymer 'ZINC ION'
5 water water
#
loop_
_entity_poly.entity_id
_entity_poly.type
_entity_poly.pdbx_seq_one_letter_code
_entity_poly.pdbx_strand_id
1 'polypeptide(L)'
;MSLQHEKVTIAPLVLLSALDHYERTQTKENKRCVGVILGDANSSTIRVTNSFALPFEEDEKNSDVWFLDHNYIENMNEMC
KKINAKEKLIGWYHSGPKLRASDLKINELFKKYTQNNPLLLIVDVKQQGVGLPTDAYVAIEQVKDDGTSTEKTFLHLPCT
IEAEEAEEIGVEHLLRD
;
A
2 'polypeptide(L)'
;GPERLQRLMMNSKVGSADTGRDDTKETVYISSIALLKMLKHGRAGVPMEVMGLMLGEFVDDYTVNVVDVFAMPQSGTGVS
VEAVDDVFQAKMMDMLKQTGRDQMVVGWYHSHPGFGCWLSSVDVNTQKSFEQLNSRAVAVVVDPIQSVKGKVVIDAFRLI
DTGALINNLEPRQTTSNTGLLNKANIQALIHGLNRHYYSLNIDYHKTAKETKMLMNLHKE
;
B
3 'polypeptide(L)' MQIFVKTLTGKTITLEVESSDTIDNVKSKIQDKEGIPPDQQRLIFAGKQLEDGRTLSDYNIQKESTLHLVLRLRGG C
#
# COMPACT_ATOMS: atom_id res chain seq x y z
N MET A 1 31.16 -23.52 -5.56
CA MET A 1 32.39 -22.83 -6.08
C MET A 1 32.27 -21.32 -6.06
N SER A 2 31.10 -20.81 -6.47
CA SER A 2 30.84 -19.39 -6.50
C SER A 2 29.65 -19.02 -5.62
N LEU A 3 29.60 -17.74 -5.19
CA LEU A 3 28.47 -17.28 -4.40
C LEU A 3 27.18 -17.65 -5.10
N GLN A 4 26.09 -17.69 -4.34
CA GLN A 4 24.82 -18.12 -4.91
C GLN A 4 24.15 -16.94 -5.64
N HIS A 5 24.12 -15.78 -4.99
CA HIS A 5 23.48 -14.56 -5.46
C HIS A 5 24.36 -13.81 -6.46
N GLU A 6 24.01 -13.84 -7.73
CA GLU A 6 24.83 -13.16 -8.72
C GLU A 6 24.12 -11.96 -9.39
N LYS A 7 22.79 -11.91 -9.34
CA LYS A 7 21.97 -10.98 -10.12
C LYS A 7 20.78 -10.54 -9.29
N VAL A 8 20.26 -9.37 -9.64
CA VAL A 8 19.06 -8.86 -9.00
C VAL A 8 18.15 -8.28 -10.08
N THR A 9 16.87 -8.62 -9.99
CA THR A 9 15.85 -7.92 -10.77
C THR A 9 14.92 -7.17 -9.83
N ILE A 10 14.51 -5.99 -10.26
CA ILE A 10 13.60 -5.11 -9.54
C ILE A 10 12.34 -4.86 -10.38
N ALA A 11 11.17 -5.02 -9.73
CA ALA A 11 9.92 -4.67 -10.40
C ALA A 11 9.79 -3.16 -10.50
N PRO A 12 9.19 -2.65 -11.58
CA PRO A 12 8.90 -1.19 -11.66
C PRO A 12 8.18 -0.64 -10.44
N LEU A 13 7.22 -1.38 -9.92
CA LEU A 13 6.43 -0.91 -8.78
C LEU A 13 7.31 -0.56 -7.60
N VAL A 14 8.32 -1.39 -7.34
CA VAL A 14 9.30 -1.10 -6.28
C VAL A 14 9.95 0.28 -6.49
N LEU A 15 10.38 0.56 -7.73
CA LEU A 15 11.02 1.84 -8.01
C LEU A 15 10.07 2.98 -7.77
N LEU A 16 8.79 2.81 -8.15
CA LEU A 16 7.82 3.89 -8.03
C LEU A 16 7.38 4.04 -6.59
N SER A 17 7.35 2.92 -5.87
CA SER A 17 7.10 2.94 -4.43
C SER A 17 8.19 3.70 -3.67
N ALA A 18 9.46 3.45 -4.00
CA ALA A 18 10.53 4.20 -3.31
C ALA A 18 10.40 5.69 -3.61
N LEU A 19 10.09 6.02 -4.87
CA LEU A 19 9.92 7.41 -5.28
C LEU A 19 8.74 8.08 -4.57
N ASP A 20 7.61 7.37 -4.48
CA ASP A 20 6.44 7.89 -3.78
C ASP A 20 6.73 8.10 -2.29
N HIS A 21 7.39 7.15 -1.65
CA HIS A 21 7.83 7.34 -0.28
C HIS A 21 8.67 8.61 -0.12
N TYR A 22 9.73 8.76 -0.93
CA TYR A 22 10.56 9.97 -0.84
C TYR A 22 9.75 11.25 -1.08
N GLU A 23 8.88 11.25 -2.08
CA GLU A 23 8.07 12.44 -2.32
C GLU A 23 7.12 12.73 -1.15
N ARG A 24 6.50 11.71 -0.58
CA ARG A 24 5.41 11.97 0.37
C ARG A 24 5.94 12.30 1.76
N THR A 25 7.19 11.97 2.02
CA THR A 25 7.83 12.38 3.26
C THR A 25 8.63 13.65 3.04
N GLN A 26 8.46 14.27 1.86
CA GLN A 26 9.07 15.54 1.50
C GLN A 26 10.51 15.57 1.96
N THR A 27 11.23 14.52 1.57
CA THR A 27 12.60 14.34 2.06
C THR A 27 13.55 15.39 1.42
N LYS A 28 14.17 16.23 2.28
CA LYS A 28 15.11 17.26 1.84
C LYS A 28 16.37 16.64 1.26
N GLU A 29 16.86 17.26 0.17
CA GLU A 29 17.84 16.62 -0.72
C GLU A 29 19.00 15.97 0.04
N ASN A 30 19.40 16.55 1.19
CA ASN A 30 20.39 15.88 2.05
C ASN A 30 19.82 14.62 2.70
N LYS A 31 18.51 14.62 3.06
CA LYS A 31 17.88 13.52 3.79
C LYS A 31 17.55 12.37 2.84
N ARG A 32 17.20 11.23 3.43
CA ARG A 32 16.87 10.05 2.67
C ARG A 32 15.74 9.31 3.37
N CYS A 33 15.02 8.51 2.61
CA CYS A 33 14.03 7.65 3.17
C CYS A 33 14.54 6.23 3.12
N VAL A 34 14.00 5.41 4.01
CA VAL A 34 14.39 4.02 4.16
C VAL A 34 13.13 3.14 4.25
N GLY A 35 13.17 1.97 3.63
CA GLY A 35 12.09 1.04 3.79
C GLY A 35 12.55 -0.39 3.62
N VAL A 36 11.58 -1.29 3.51
CA VAL A 36 11.77 -2.74 3.39
C VAL A 36 11.51 -3.19 1.95
N ILE A 37 12.21 -4.22 1.52
CA ILE A 37 11.93 -4.82 0.20
C ILE A 37 11.58 -6.29 0.39
N LEU A 38 10.69 -6.76 -0.47
CA LEU A 38 10.09 -8.07 -0.35
C LEU A 38 10.23 -8.75 -1.69
N GLY A 39 10.16 -10.08 -1.69
CA GLY A 39 10.34 -10.79 -2.93
C GLY A 39 10.78 -12.21 -2.69
N ASP A 40 11.69 -12.71 -3.52
CA ASP A 40 12.16 -14.11 -3.43
C ASP A 40 13.69 -14.15 -3.63
N ALA A 41 14.40 -14.61 -2.59
CA ALA A 41 15.86 -14.54 -2.54
C ALA A 41 16.50 -15.91 -2.39
N ASN A 42 15.92 -16.94 -3.00
CA ASN A 42 16.48 -18.30 -2.86
C ASN A 42 17.27 -18.71 -4.11
N SER A 43 16.77 -18.39 -5.32
CA SER A 43 17.55 -18.65 -6.53
C SER A 43 18.76 -17.71 -6.62
N SER A 44 19.66 -18.06 -7.56
CA SER A 44 20.81 -17.22 -7.82
C SER A 44 20.37 -15.77 -7.94
N THR A 45 19.32 -15.52 -8.74
CA THR A 45 18.82 -14.18 -8.94
C THR A 45 17.83 -13.82 -7.84
N ILE A 46 18.03 -12.66 -7.25
CA ILE A 46 17.15 -12.12 -6.23
C ILE A 46 16.09 -11.26 -6.90
N ARG A 47 14.83 -11.61 -6.65
CA ARG A 47 13.68 -10.95 -7.27
C ARG A 47 13.06 -10.03 -6.23
N VAL A 48 13.21 -8.72 -6.44
CA VAL A 48 12.60 -7.67 -5.64
C VAL A 48 11.28 -7.31 -6.29
N THR A 49 10.17 -7.56 -5.60
CA THR A 49 8.84 -7.37 -6.20
C THR A 49 7.90 -6.43 -5.45
N ASN A 50 8.18 -6.09 -4.20
CA ASN A 50 7.30 -5.18 -3.48
C ASN A 50 8.12 -4.48 -2.41
N SER A 51 7.46 -3.62 -1.67
CA SER A 51 8.19 -2.89 -0.67
C SER A 51 7.19 -2.18 0.23
N PHE A 52 7.70 -1.69 1.36
CA PHE A 52 6.96 -0.70 2.14
C PHE A 52 7.91 0.24 2.90
N ALA A 53 7.40 1.44 3.15
CA ALA A 53 8.09 2.52 3.83
C ALA A 53 8.29 2.20 5.32
N LEU A 54 9.35 2.79 5.89
CA LEU A 54 9.63 2.68 7.32
C LEU A 54 9.73 4.07 7.96
N PRO A 55 9.29 4.20 9.20
CA PRO A 55 9.70 5.39 9.94
C PRO A 55 11.20 5.35 10.18
N PHE A 56 11.86 6.42 9.75
CA PHE A 56 13.32 6.44 9.86
C PHE A 56 13.76 7.88 10.00
N GLU A 57 14.65 8.15 10.94
CA GLU A 57 15.20 9.50 11.09
C GLU A 57 16.68 9.37 11.39
N GLU A 58 17.46 10.33 10.92
CA GLU A 58 18.89 10.29 11.14
C GLU A 58 19.42 11.69 11.40
N ASP A 59 20.60 11.72 12.01
CA ASP A 59 21.33 12.96 12.16
C ASP A 59 22.04 13.30 10.86
N GLU A 60 21.72 14.50 10.35
CA GLU A 60 22.34 15.04 9.14
C GLU A 60 23.85 15.12 9.26
N LYS A 61 24.37 15.31 10.47
CA LYS A 61 25.79 15.52 10.69
C LYS A 61 26.56 14.26 11.06
N ASN A 62 25.99 13.36 11.84
CA ASN A 62 26.71 12.16 12.28
C ASN A 62 26.07 10.90 11.72
N SER A 63 26.89 9.86 11.61
CA SER A 63 26.54 8.59 10.96
C SER A 63 26.02 7.56 11.95
N ASP A 64 26.72 7.33 13.05
CA ASP A 64 26.27 6.37 14.05
C ASP A 64 24.85 6.62 14.56
N VAL A 65 24.31 7.84 14.38
CA VAL A 65 23.11 8.32 15.07
C VAL A 65 21.89 8.19 14.16
N TRP A 66 21.06 7.21 14.42
CA TRP A 66 19.86 7.07 13.62
C TRP A 66 18.87 6.25 14.41
N PHE A 67 17.58 6.36 14.04
CA PHE A 67 16.48 5.57 14.58
C PHE A 67 15.77 4.80 13.48
N LEU A 68 15.61 3.50 13.68
CA LEU A 68 14.82 2.68 12.78
C LEU A 68 13.76 1.97 13.60
N ASP A 69 12.50 2.24 13.32
CA ASP A 69 11.42 1.70 14.17
C ASP A 69 11.37 0.19 14.05
N HIS A 70 11.84 -0.49 15.07
CA HIS A 70 11.85 -1.94 15.07
C HIS A 70 10.44 -2.46 15.03
N ASN A 71 9.54 -1.83 15.80
CA ASN A 71 8.17 -2.30 15.92
C ASN A 71 7.43 -2.17 14.61
N TYR A 72 7.71 -1.13 13.83
CA TYR A 72 7.00 -0.99 12.57
C TYR A 72 7.35 -2.11 11.62
N ILE A 73 8.62 -2.47 11.55
CA ILE A 73 9.02 -3.57 10.67
C ILE A 73 8.20 -4.80 10.98
N GLU A 74 8.14 -5.16 12.27
CA GLU A 74 7.46 -6.37 12.69
C GLU A 74 5.96 -6.28 12.38
N ASN A 75 5.36 -5.11 12.62
CA ASN A 75 3.92 -4.90 12.44
C ASN A 75 3.53 -4.96 10.96
N MET A 76 4.16 -4.12 10.11
CA MET A 76 3.85 -4.06 8.68
C MET A 76 4.13 -5.38 7.95
N ASN A 77 5.29 -6.00 8.17
CA ASN A 77 5.59 -7.31 7.58
C ASN A 77 4.53 -8.37 7.91
N GLU A 78 4.04 -8.45 9.16
CA GLU A 78 3.00 -9.45 9.44
C GLU A 78 1.73 -9.14 8.65
N MET A 79 1.42 -7.85 8.51
CA MET A 79 0.32 -7.47 7.64
C MET A 79 0.53 -8.00 6.23
N CYS A 80 1.66 -7.66 5.60
CA CYS A 80 2.02 -8.20 4.28
C CYS A 80 1.87 -9.71 4.21
N LYS A 81 2.22 -10.40 5.30
CA LYS A 81 2.21 -11.86 5.28
C LYS A 81 0.81 -12.37 5.03
N LYS A 82 -0.19 -11.74 5.65
CA LYS A 82 -1.60 -12.13 5.45
C LYS A 82 -2.01 -11.95 4.00
N ILE A 83 -1.55 -10.88 3.36
CA ILE A 83 -2.02 -10.54 2.03
C ILE A 83 -1.26 -11.34 0.98
N ASN A 84 0.01 -11.65 1.22
CA ASN A 84 0.79 -12.39 0.22
C ASN A 84 1.96 -13.09 0.89
N ALA A 85 1.86 -14.41 1.00
CA ALA A 85 2.89 -15.19 1.66
C ALA A 85 4.09 -15.41 0.77
N LYS A 86 3.92 -15.26 -0.55
CA LYS A 86 5.04 -15.48 -1.46
C LYS A 86 6.10 -14.39 -1.33
N GLU A 87 5.69 -13.15 -1.06
CA GLU A 87 6.64 -12.03 -1.04
C GLU A 87 7.25 -11.94 0.37
N LYS A 88 8.45 -12.48 0.53
CA LYS A 88 9.04 -12.58 1.85
C LYS A 88 10.03 -11.43 2.06
N LEU A 89 10.27 -11.12 3.31
CA LEU A 89 11.11 -9.99 3.62
C LEU A 89 12.56 -10.34 3.28
N ILE A 90 13.17 -9.60 2.35
CA ILE A 90 14.50 -9.94 1.84
C ILE A 90 15.53 -8.84 2.04
N GLY A 91 15.19 -7.71 2.64
CA GLY A 91 16.19 -6.67 2.77
C GLY A 91 15.55 -5.30 2.87
N TRP A 92 16.32 -4.28 2.50
CA TRP A 92 15.89 -2.92 2.70
C TRP A 92 16.32 -2.04 1.55
N TYR A 93 15.82 -0.80 1.58
CA TYR A 93 16.15 0.14 0.56
C TYR A 93 16.32 1.50 1.21
N HIS A 94 17.09 2.37 0.54
CA HIS A 94 16.99 3.79 0.77
C HIS A 94 17.19 4.58 -0.54
N SER A 95 16.95 5.90 -0.47
CA SER A 95 16.92 6.79 -1.63
C SER A 95 18.30 7.32 -2.02
N GLY A 96 19.34 6.97 -1.30
CA GLY A 96 20.70 7.16 -1.79
C GLY A 96 21.11 8.59 -1.74
N PRO A 97 21.78 9.07 -2.80
CA PRO A 97 22.14 8.43 -4.06
C PRO A 97 23.16 7.31 -3.97
N LYS A 98 23.98 7.29 -2.92
CA LYS A 98 24.98 6.25 -2.81
C LYS A 98 25.02 5.72 -1.38
N LEU A 99 25.81 4.66 -1.18
CA LEU A 99 26.09 4.09 0.13
C LEU A 99 26.53 5.16 1.14
N ARG A 100 26.13 4.94 2.41
CA ARG A 100 26.40 5.87 3.51
C ARG A 100 27.11 5.10 4.62
N ALA A 101 27.92 5.83 5.41
CA ALA A 101 28.76 5.20 6.43
C ALA A 101 27.93 4.35 7.40
N SER A 102 26.64 4.67 7.55
CA SER A 102 25.84 3.91 8.50
C SER A 102 25.18 2.67 7.91
N ASP A 103 25.40 2.33 6.64
CA ASP A 103 24.55 1.30 6.02
C ASP A 103 24.90 -0.10 6.48
N LEU A 104 26.17 -0.37 6.82
CA LEU A 104 26.54 -1.69 7.30
C LEU A 104 25.90 -1.99 8.64
N LYS A 105 25.88 -0.99 9.55
CA LYS A 105 25.22 -1.17 10.86
C LYS A 105 23.71 -1.32 10.69
N ILE A 106 23.10 -0.49 9.85
CA ILE A 106 21.68 -0.64 9.57
C ILE A 106 21.40 -2.01 8.99
N ASN A 107 22.27 -2.49 8.09
CA ASN A 107 22.07 -3.80 7.49
C ASN A 107 22.09 -4.93 8.53
N GLU A 108 23.02 -4.87 9.48
CA GLU A 108 23.01 -5.89 10.54
C GLU A 108 21.63 -5.98 11.19
N LEU A 109 20.95 -4.85 11.32
CA LEU A 109 19.65 -4.88 11.97
C LEU A 109 18.66 -5.74 11.18
N PHE A 110 18.73 -5.71 9.85
CA PHE A 110 17.76 -6.47 9.09
C PHE A 110 18.06 -7.95 9.05
N LYS A 111 19.29 -8.37 9.39
CA LYS A 111 19.60 -9.80 9.39
C LYS A 111 18.64 -10.59 10.28
N LYS A 112 18.05 -9.93 11.28
CA LYS A 112 17.08 -10.60 12.17
C LYS A 112 15.84 -11.03 11.42
N TYR A 113 15.43 -10.27 10.39
CA TYR A 113 14.13 -10.44 9.74
C TYR A 113 14.21 -11.19 8.42
N THR A 114 15.39 -11.45 7.89
CA THR A 114 15.52 -12.08 6.59
C THR A 114 16.04 -13.50 6.80
N GLN A 115 15.53 -14.43 5.98
CA GLN A 115 16.01 -15.81 6.05
C GLN A 115 17.41 -15.94 5.46
N ASN A 116 17.86 -14.94 4.72
CA ASN A 116 19.19 -14.98 4.09
C ASN A 116 19.94 -13.70 4.41
N ASN A 117 21.16 -13.60 3.88
CA ASN A 117 21.93 -12.37 4.03
C ASN A 117 21.09 -11.26 3.41
N PRO A 118 20.84 -10.17 4.13
CA PRO A 118 19.97 -9.13 3.57
C PRO A 118 20.54 -8.48 2.32
N LEU A 119 19.63 -7.94 1.54
CA LEU A 119 19.94 -7.22 0.32
C LEU A 119 19.62 -5.74 0.53
N LEU A 120 20.59 -4.87 0.25
CA LEU A 120 20.37 -3.44 0.27
C LEU A 120 20.21 -2.94 -1.16
N LEU A 121 19.05 -2.35 -1.45
CA LEU A 121 18.77 -1.71 -2.71
C LEU A 121 18.76 -0.19 -2.49
N ILE A 122 19.61 0.51 -3.26
CA ILE A 122 19.56 1.97 -3.26
C ILE A 122 18.81 2.39 -4.50
N VAL A 123 17.84 3.29 -4.36
CA VAL A 123 17.06 3.80 -5.49
C VAL A 123 17.35 5.29 -5.58
N ASP A 124 18.10 5.68 -6.63
CA ASP A 124 18.49 7.09 -6.73
C ASP A 124 17.31 7.89 -7.27
N VAL A 125 16.46 8.40 -6.37
CA VAL A 125 15.16 8.93 -6.77
C VAL A 125 15.30 10.16 -7.63
N LYS A 126 16.46 10.84 -7.57
CA LYS A 126 16.76 12.04 -8.35
C LYS A 126 17.33 11.71 -9.71
N GLN A 127 17.51 10.43 -9.98
CA GLN A 127 17.69 9.90 -11.32
C GLN A 127 18.68 10.72 -12.14
N GLN A 128 19.88 10.78 -11.64
CA GLN A 128 20.97 11.43 -12.34
C GLN A 128 21.81 10.40 -13.06
N GLY A 129 21.80 10.53 -14.37
CA GLY A 129 22.61 9.73 -15.23
C GLY A 129 21.78 8.85 -16.13
N VAL A 130 22.44 8.39 -17.18
CA VAL A 130 21.97 7.21 -17.87
C VAL A 130 22.28 5.99 -16.99
N GLY A 131 21.66 4.88 -17.32
CA GLY A 131 21.85 3.69 -16.53
C GLY A 131 20.97 3.70 -15.31
N LEU A 132 20.59 2.50 -14.92
CA LEU A 132 19.54 2.28 -13.96
C LEU A 132 19.79 3.12 -12.71
N PRO A 133 18.75 3.68 -12.11
CA PRO A 133 18.96 4.43 -10.87
C PRO A 133 18.98 3.52 -9.64
N THR A 134 19.48 2.30 -9.82
CA THR A 134 19.47 1.29 -8.76
C THR A 134 20.83 0.65 -8.66
N ASP A 135 21.23 0.38 -7.42
CA ASP A 135 22.40 -0.41 -7.11
C ASP A 135 22.04 -1.34 -5.98
N ALA A 136 22.47 -2.58 -6.10
CA ALA A 136 22.16 -3.63 -5.17
C ALA A 136 23.44 -4.08 -4.47
N TYR A 137 23.33 -4.32 -3.18
CA TYR A 137 24.47 -4.70 -2.35
C TYR A 137 24.07 -5.77 -1.35
N VAL A 138 24.96 -6.75 -1.12
CA VAL A 138 24.84 -7.62 0.05
C VAL A 138 26.13 -7.53 0.85
N ALA A 139 25.99 -7.49 2.16
CA ALA A 139 27.13 -7.47 3.05
C ALA A 139 27.71 -8.86 3.15
N ILE A 140 29.04 -8.95 3.19
CA ILE A 140 29.74 -10.20 3.45
C ILE A 140 30.92 -9.84 4.34
N GLU A 141 31.46 -10.86 5.03
CA GLU A 141 32.63 -10.67 5.87
C GLU A 141 33.77 -11.40 5.16
N GLN A 142 34.72 -10.65 4.63
CA GLN A 142 35.79 -11.22 3.86
C GLN A 142 37.02 -11.31 4.74
N VAL A 143 37.78 -12.39 4.56
CA VAL A 143 39.07 -12.52 5.19
C VAL A 143 40.05 -11.72 4.34
N LYS A 144 40.45 -10.55 4.84
CA LYS A 144 41.51 -9.78 4.21
C LYS A 144 42.77 -10.61 4.16
N ASP A 145 43.56 -10.40 3.10
CA ASP A 145 44.86 -11.06 3.01
C ASP A 145 45.77 -10.49 4.08
N ASP A 146 45.42 -10.85 5.31
CA ASP A 146 46.17 -10.56 6.50
C ASP A 146 47.13 -11.70 6.90
N GLY A 147 46.75 -12.97 6.92
CA GLY A 147 45.49 -13.54 6.45
C GLY A 147 44.54 -14.12 7.50
N THR A 148 44.48 -13.49 8.67
CA THR A 148 43.52 -13.89 9.70
C THR A 148 42.46 -12.83 9.99
N SER A 149 42.81 -11.55 9.88
CA SER A 149 41.82 -10.50 10.06
C SER A 149 40.69 -10.64 9.03
N THR A 150 39.54 -10.02 9.35
CA THR A 150 38.40 -9.92 8.47
C THR A 150 38.01 -8.43 8.25
N GLU A 151 37.11 -8.15 7.27
CA GLU A 151 36.67 -6.79 6.94
C GLU A 151 35.26 -6.74 6.34
N LYS A 152 34.27 -6.36 7.15
CA LYS A 152 32.89 -6.49 6.72
C LYS A 152 32.65 -5.49 5.59
N THR A 153 32.05 -5.94 4.48
CA THR A 153 32.03 -5.13 3.30
C THR A 153 30.81 -5.44 2.41
N PHE A 154 30.39 -4.42 1.67
CA PHE A 154 29.24 -4.55 0.78
C PHE A 154 29.71 -5.07 -0.57
N LEU A 155 29.06 -6.10 -1.01
CA LEU A 155 29.35 -6.73 -2.28
C LEU A 155 28.30 -6.26 -3.28
N HIS A 156 28.74 -5.72 -4.40
CA HIS A 156 27.83 -5.15 -5.37
C HIS A 156 27.22 -6.21 -6.30
N LEU A 157 25.91 -6.15 -6.52
CA LEU A 157 25.25 -7.05 -7.46
C LEU A 157 24.58 -6.29 -8.61
N PRO A 158 24.76 -6.73 -9.86
CA PRO A 158 24.26 -5.94 -11.02
C PRO A 158 22.73 -5.91 -11.11
N CYS A 159 22.09 -4.90 -11.68
CA CYS A 159 20.63 -4.89 -11.54
C CYS A 159 19.92 -4.87 -12.88
N THR A 160 18.74 -5.49 -12.95
CA THR A 160 17.86 -5.23 -14.07
C THR A 160 16.41 -5.08 -13.62
N ILE A 161 15.65 -4.39 -14.46
CA ILE A 161 14.25 -4.10 -14.20
C ILE A 161 13.47 -5.14 -14.96
N GLU A 162 12.73 -5.99 -14.24
CA GLU A 162 11.90 -7.04 -14.85
C GLU A 162 10.47 -6.90 -14.33
N ALA A 163 9.53 -6.81 -15.27
CA ALA A 163 8.13 -6.65 -14.97
C ALA A 163 7.37 -7.91 -15.33
N GLU A 164 6.41 -8.29 -14.47
CA GLU A 164 5.41 -9.29 -14.83
C GLU A 164 4.50 -8.71 -15.90
N GLU A 165 3.66 -9.56 -16.47
CA GLU A 165 2.74 -9.11 -17.52
C GLU A 165 1.88 -7.94 -17.04
N ALA A 166 1.35 -8.01 -15.82
CA ALA A 166 0.50 -6.95 -15.34
C ALA A 166 1.27 -5.61 -15.26
N GLU A 167 2.49 -5.64 -14.70
CA GLU A 167 3.24 -4.40 -14.63
C GLU A 167 3.65 -3.93 -16.02
N GLU A 168 3.92 -4.87 -16.93
CA GLU A 168 4.29 -4.46 -18.27
C GLU A 168 3.14 -3.74 -18.92
N ILE A 169 1.92 -4.26 -18.77
CA ILE A 169 0.74 -3.55 -19.30
C ILE A 169 0.61 -2.18 -18.65
N GLY A 170 0.76 -2.11 -17.32
CA GLY A 170 0.55 -0.86 -16.66
C GLY A 170 1.55 0.18 -17.10
N VAL A 171 2.79 -0.24 -17.32
CA VAL A 171 3.85 0.71 -17.64
C VAL A 171 3.71 1.20 -19.09
N GLU A 172 3.47 0.29 -20.01
CA GLU A 172 3.24 0.71 -21.39
C GLU A 172 2.00 1.58 -21.50
N HIS A 173 1.03 1.35 -20.61
CA HIS A 173 -0.14 2.19 -20.63
C HIS A 173 0.24 3.57 -20.17
N LEU A 174 0.93 3.62 -19.03
CA LEU A 174 1.30 4.90 -18.44
C LEU A 174 2.18 5.71 -19.40
N LEU A 175 3.11 5.04 -20.09
CA LEU A 175 3.97 5.62 -21.13
C LEU A 175 3.22 5.71 -22.47
N ARG A 176 2.11 6.43 -22.45
CA ARG A 176 1.17 6.50 -23.57
C ARG A 176 1.56 7.57 -24.59
N ASP A 177 1.87 8.79 -24.12
CA ASP A 177 2.35 9.91 -24.97
C ASP A 177 3.82 9.88 -25.41
N LYS B 25 -17.96 17.22 -16.12
CA LYS B 25 -16.62 16.95 -16.67
C LYS B 25 -15.66 16.52 -15.57
N GLU B 26 -16.07 15.58 -14.72
CA GLU B 26 -15.27 15.18 -13.56
C GLU B 26 -14.39 13.98 -13.90
N THR B 27 -13.14 14.00 -13.41
CA THR B 27 -12.15 12.99 -13.79
C THR B 27 -11.51 12.36 -12.58
N VAL B 28 -11.28 11.04 -12.65
CA VAL B 28 -10.53 10.32 -11.63
C VAL B 28 -9.09 10.16 -12.14
N TYR B 29 -8.14 10.67 -11.38
CA TYR B 29 -6.73 10.58 -11.74
C TYR B 29 -6.10 9.50 -10.87
N ILE B 30 -5.56 8.47 -11.51
CA ILE B 30 -4.98 7.32 -10.84
C ILE B 30 -3.46 7.44 -10.97
N SER B 31 -2.77 7.50 -9.84
CA SER B 31 -1.35 7.55 -9.85
C SER B 31 -0.76 6.25 -10.40
N SER B 32 0.53 6.33 -10.72
CA SER B 32 1.24 5.17 -11.27
C SER B 32 1.22 3.99 -10.31
N ILE B 33 1.51 4.23 -9.02
CA ILE B 33 1.54 3.09 -8.13
C ILE B 33 0.14 2.51 -7.97
N ALA B 34 -0.88 3.38 -7.99
CA ALA B 34 -2.24 2.89 -7.83
C ALA B 34 -2.61 1.97 -8.98
N LEU B 35 -2.23 2.34 -10.21
CA LEU B 35 -2.62 1.54 -11.35
C LEU B 35 -1.86 0.24 -11.33
N LEU B 36 -0.55 0.34 -11.07
CA LEU B 36 0.20 -0.89 -11.05
C LEU B 36 -0.22 -1.79 -9.92
N LYS B 37 -0.67 -1.22 -8.80
CA LYS B 37 -1.06 -2.08 -7.68
C LYS B 37 -2.35 -2.80 -8.00
N MET B 38 -3.25 -2.10 -8.64
CA MET B 38 -4.52 -2.70 -8.93
C MET B 38 -4.39 -3.76 -10.03
N LEU B 39 -3.60 -3.47 -11.07
CA LEU B 39 -3.39 -4.44 -12.14
C LEU B 39 -2.68 -5.69 -11.60
N LYS B 40 -1.62 -5.50 -10.85
CA LYS B 40 -0.87 -6.62 -10.28
C LYS B 40 -1.77 -7.49 -9.39
N HIS B 41 -2.59 -6.84 -8.56
CA HIS B 41 -3.50 -7.57 -7.66
C HIS B 41 -4.59 -8.29 -8.47
N GLY B 42 -5.14 -7.63 -9.48
CA GLY B 42 -6.17 -8.27 -10.30
C GLY B 42 -5.68 -9.55 -10.96
N ARG B 43 -4.49 -9.50 -11.55
CA ARG B 43 -3.93 -10.65 -12.27
C ARG B 43 -3.53 -11.77 -11.33
N ALA B 44 -3.04 -11.45 -10.12
CA ALA B 44 -2.69 -12.46 -9.12
C ALA B 44 -3.90 -13.21 -8.61
N GLY B 45 -5.03 -12.53 -8.45
CA GLY B 45 -6.21 -13.19 -7.95
C GLY B 45 -6.83 -14.16 -8.93
N VAL B 46 -6.70 -13.90 -10.23
CA VAL B 46 -7.28 -14.75 -11.24
C VAL B 46 -7.08 -16.21 -10.86
N PRO B 47 -8.15 -17.00 -10.89
CA PRO B 47 -9.51 -16.76 -11.41
C PRO B 47 -10.54 -16.13 -10.43
N MET B 48 -10.06 -15.62 -9.30
CA MET B 48 -10.89 -15.04 -8.27
C MET B 48 -10.93 -13.53 -8.46
N GLU B 49 -11.98 -12.94 -7.92
CA GLU B 49 -12.04 -11.51 -7.77
C GLU B 49 -11.16 -11.10 -6.61
N VAL B 50 -10.65 -9.89 -6.71
CA VAL B 50 -9.92 -9.25 -5.63
C VAL B 50 -10.57 -7.89 -5.41
N MET B 51 -10.22 -7.25 -4.28
CA MET B 51 -10.65 -5.90 -3.98
C MET B 51 -9.61 -5.18 -3.10
N GLY B 52 -9.79 -3.86 -2.98
CA GLY B 52 -9.07 -3.07 -2.00
C GLY B 52 -9.58 -1.64 -1.98
N LEU B 53 -9.02 -0.87 -1.03
CA LEU B 53 -9.40 0.52 -0.80
C LEU B 53 -8.49 1.48 -1.59
N MET B 54 -9.02 2.67 -1.90
CA MET B 54 -8.30 3.64 -2.70
C MET B 54 -8.12 4.89 -1.85
N LEU B 55 -6.85 5.30 -1.69
CA LEU B 55 -6.53 6.53 -1.01
C LEU B 55 -6.34 7.63 -2.03
N GLY B 56 -6.72 8.84 -1.63
CA GLY B 56 -6.57 9.98 -2.52
C GLY B 56 -7.16 11.24 -1.92
N GLU B 57 -7.40 12.18 -2.81
CA GLU B 57 -7.94 13.45 -2.38
C GLU B 57 -8.88 13.95 -3.47
N PHE B 58 -9.89 14.69 -3.02
CA PHE B 58 -10.78 15.44 -3.90
C PHE B 58 -10.23 16.84 -4.03
N VAL B 59 -9.50 17.09 -5.12
CA VAL B 59 -8.85 18.39 -5.29
C VAL B 59 -9.87 19.49 -5.54
N ASP B 60 -10.80 19.27 -6.47
CA ASP B 60 -11.86 20.24 -6.76
C ASP B 60 -13.08 19.47 -7.25
N ASP B 61 -14.10 20.19 -7.70
CA ASP B 61 -15.35 19.54 -8.12
C ASP B 61 -15.17 18.67 -9.36
N TYR B 62 -14.13 18.94 -10.16
CA TYR B 62 -13.86 18.22 -11.40
C TYR B 62 -12.66 17.28 -11.31
N THR B 63 -12.08 17.08 -10.12
CA THR B 63 -10.82 16.33 -10.02
C THR B 63 -10.75 15.46 -8.78
N VAL B 64 -10.59 14.14 -9.00
CA VAL B 64 -10.36 13.19 -7.94
C VAL B 64 -9.03 12.52 -8.22
N ASN B 65 -8.11 12.59 -7.24
CA ASN B 65 -6.79 11.98 -7.32
C ASN B 65 -6.80 10.70 -6.49
N VAL B 66 -6.46 9.59 -7.12
CA VAL B 66 -6.20 8.33 -6.43
C VAL B 66 -4.70 8.19 -6.44
N VAL B 67 -4.10 8.47 -5.29
CA VAL B 67 -2.65 8.39 -5.19
C VAL B 67 -2.18 6.98 -4.87
N ASP B 68 -2.99 6.19 -4.13
CA ASP B 68 -2.51 4.93 -3.58
C ASP B 68 -3.71 4.03 -3.30
N VAL B 69 -3.42 2.71 -3.14
CA VAL B 69 -4.41 1.68 -2.85
C VAL B 69 -3.76 0.63 -1.98
N PHE B 70 -4.62 -0.22 -1.39
CA PHE B 70 -4.10 -1.37 -0.64
C PHE B 70 -5.21 -2.39 -0.48
N ALA B 71 -4.79 -3.63 -0.28
CA ALA B 71 -5.66 -4.78 -0.18
C ALA B 71 -5.71 -5.33 1.24
N MET B 72 -6.88 -5.64 1.72
CA MET B 72 -7.02 -6.22 3.05
C MET B 72 -7.30 -7.71 2.95
N PRO B 73 -7.13 -8.47 4.04
CA PRO B 73 -7.42 -9.90 3.96
C PRO B 73 -8.81 -10.13 3.42
N GLN B 74 -8.91 -11.06 2.49
CA GLN B 74 -10.17 -11.18 1.78
C GLN B 74 -10.31 -12.62 1.31
N SER B 75 -11.51 -12.92 0.86
CA SER B 75 -11.90 -14.18 0.24
C SER B 75 -12.68 -13.86 -1.01
N GLY B 76 -12.44 -14.63 -2.07
CA GLY B 76 -13.10 -14.44 -3.34
C GLY B 76 -13.37 -15.75 -4.06
N THR B 77 -14.32 -15.69 -5.00
CA THR B 77 -14.56 -16.73 -5.99
C THR B 77 -14.48 -16.11 -7.39
N GLY B 78 -14.81 -16.86 -8.45
CA GLY B 78 -14.83 -16.31 -9.80
C GLY B 78 -15.79 -15.14 -10.00
N VAL B 79 -16.75 -14.96 -9.08
CA VAL B 79 -17.77 -13.92 -9.27
C VAL B 79 -18.14 -13.17 -7.96
N SER B 80 -17.24 -13.15 -6.97
CA SER B 80 -17.49 -12.43 -5.72
C SER B 80 -16.20 -12.26 -4.94
N VAL B 81 -16.22 -11.30 -4.02
CA VAL B 81 -15.10 -11.05 -3.11
C VAL B 81 -15.65 -10.29 -1.91
N GLU B 82 -15.07 -10.54 -0.74
CA GLU B 82 -15.44 -9.76 0.43
C GLU B 82 -14.23 -9.66 1.36
N ALA B 83 -14.17 -8.54 2.09
CA ALA B 83 -13.13 -8.33 3.08
C ALA B 83 -13.45 -9.14 4.33
N VAL B 84 -12.40 -9.67 4.95
CA VAL B 84 -12.48 -10.53 6.13
C VAL B 84 -12.09 -9.78 7.38
N ASP B 85 -10.86 -9.28 7.41
CA ASP B 85 -10.31 -8.56 8.53
C ASP B 85 -10.73 -7.11 8.42
N ASP B 86 -11.36 -6.58 9.45
CA ASP B 86 -11.68 -5.16 9.44
C ASP B 86 -10.69 -4.35 10.27
N VAL B 87 -10.09 -4.96 11.31
CA VAL B 87 -9.01 -4.33 12.06
C VAL B 87 -7.89 -3.90 11.09
N PHE B 88 -7.49 -4.82 10.22
CA PHE B 88 -6.45 -4.56 9.24
C PHE B 88 -6.65 -3.23 8.51
N GLN B 89 -7.88 -2.94 8.07
CA GLN B 89 -8.09 -1.69 7.35
C GLN B 89 -7.79 -0.47 8.22
N ALA B 90 -8.29 -0.46 9.46
CA ALA B 90 -7.94 0.61 10.38
C ALA B 90 -6.43 0.70 10.59
N LYS B 91 -5.82 -0.38 11.07
CA LYS B 91 -4.39 -0.40 11.33
C LYS B 91 -3.62 0.19 10.13
N MET B 92 -3.79 -0.41 8.94
CA MET B 92 -3.04 0.01 7.77
C MET B 92 -3.06 1.52 7.57
N MET B 93 -4.22 2.15 7.76
CA MET B 93 -4.31 3.60 7.58
C MET B 93 -3.45 4.38 8.59
N ASP B 94 -3.23 3.85 9.79
CA ASP B 94 -2.33 4.54 10.70
C ASP B 94 -0.86 4.35 10.30
N MET B 95 -0.50 3.15 9.85
CA MET B 95 0.86 2.90 9.39
C MET B 95 1.25 3.89 8.29
N LEU B 96 0.37 4.11 7.32
CA LEU B 96 0.69 5.01 6.22
C LEU B 96 0.89 6.45 6.69
N LYS B 97 -0.01 6.95 7.57
CA LYS B 97 0.21 8.28 8.14
C LYS B 97 1.60 8.39 8.71
N GLN B 98 2.02 7.35 9.46
CA GLN B 98 3.33 7.35 10.08
C GLN B 98 4.46 7.52 9.07
N THR B 99 4.21 7.14 7.80
CA THR B 99 5.23 7.15 6.74
C THR B 99 4.88 8.15 5.63
N GLY B 100 4.10 9.20 5.93
CA GLY B 100 3.97 10.34 5.04
C GLY B 100 2.78 10.34 4.12
N ARG B 101 2.06 9.22 4.01
CA ARG B 101 0.82 9.16 3.24
C ARG B 101 -0.33 9.58 4.13
N ASP B 102 -0.66 10.87 4.08
CA ASP B 102 -1.74 11.37 4.90
C ASP B 102 -3.10 11.26 4.20
N GLN B 103 -3.15 10.86 2.93
CA GLN B 103 -4.42 10.87 2.21
C GLN B 103 -5.37 9.82 2.78
N MET B 104 -6.66 10.08 2.61
CA MET B 104 -7.71 9.25 3.16
C MET B 104 -8.37 8.44 2.05
N VAL B 105 -9.35 7.63 2.45
CA VAL B 105 -10.01 6.78 1.48
C VAL B 105 -10.95 7.63 0.64
N VAL B 106 -10.84 7.47 -0.68
CA VAL B 106 -11.75 8.13 -1.60
C VAL B 106 -12.65 7.14 -2.32
N GLY B 107 -12.56 5.85 -2.00
CA GLY B 107 -13.29 4.87 -2.76
C GLY B 107 -12.64 3.51 -2.65
N TRP B 108 -13.10 2.59 -3.51
CA TRP B 108 -12.68 1.20 -3.44
C TRP B 108 -12.59 0.61 -4.84
N TYR B 109 -11.90 -0.52 -4.95
CA TYR B 109 -11.71 -1.14 -6.24
C TYR B 109 -11.90 -2.65 -6.09
N HIS B 110 -12.43 -3.29 -7.14
CA HIS B 110 -12.38 -4.75 -7.20
C HIS B 110 -12.31 -5.17 -8.65
N SER B 111 -12.15 -6.47 -8.88
CA SER B 111 -11.94 -6.98 -10.22
C SER B 111 -13.09 -7.82 -10.74
N HIS B 112 -13.28 -7.76 -12.06
CA HIS B 112 -14.24 -8.61 -12.80
C HIS B 112 -13.41 -9.45 -13.76
N PRO B 113 -12.81 -10.59 -13.29
CA PRO B 113 -11.96 -11.40 -14.19
C PRO B 113 -12.77 -11.93 -15.36
N GLY B 114 -12.72 -11.20 -16.47
CA GLY B 114 -13.17 -11.69 -17.73
C GLY B 114 -14.47 -11.14 -18.20
N PHE B 115 -15.20 -10.39 -17.36
CA PHE B 115 -16.56 -9.96 -17.77
C PHE B 115 -16.78 -8.46 -17.64
N GLY B 116 -15.71 -7.69 -17.89
CA GLY B 116 -15.83 -6.26 -18.10
C GLY B 116 -16.15 -5.44 -16.84
N CYS B 117 -16.20 -4.14 -17.05
CA CYS B 117 -16.33 -3.19 -15.97
C CYS B 117 -17.75 -2.62 -15.96
N TRP B 118 -18.39 -2.72 -14.80
CA TRP B 118 -19.76 -2.29 -14.54
C TRP B 118 -19.97 -2.52 -13.05
N LEU B 119 -21.08 -2.02 -12.51
CA LEU B 119 -21.37 -2.18 -11.10
C LEU B 119 -22.50 -3.19 -10.96
N SER B 120 -22.28 -4.21 -10.16
CA SER B 120 -23.28 -5.20 -9.87
C SER B 120 -24.20 -4.70 -8.76
N SER B 121 -25.23 -5.48 -8.46
CA SER B 121 -26.12 -5.13 -7.37
C SER B 121 -25.36 -5.09 -6.05
N VAL B 122 -24.51 -6.10 -5.81
CA VAL B 122 -23.72 -6.14 -4.58
C VAL B 122 -22.85 -4.90 -4.46
N ASP B 123 -22.27 -4.48 -5.58
CA ASP B 123 -21.33 -3.38 -5.58
C ASP B 123 -22.02 -2.07 -5.27
N VAL B 124 -23.29 -1.94 -5.71
CA VAL B 124 -24.10 -0.76 -5.44
C VAL B 124 -24.40 -0.67 -3.95
N ASN B 125 -24.85 -1.77 -3.33
CA ASN B 125 -25.03 -1.76 -1.88
C ASN B 125 -23.75 -1.32 -1.16
N THR B 126 -22.58 -1.75 -1.64
CA THR B 126 -21.36 -1.27 -1.02
C THR B 126 -21.05 0.18 -1.41
N GLN B 127 -21.30 0.57 -2.66
CA GLN B 127 -20.91 1.91 -3.09
C GLN B 127 -21.74 2.97 -2.38
N LYS B 128 -23.04 2.71 -2.22
CA LYS B 128 -23.87 3.72 -1.58
C LYS B 128 -23.47 3.89 -0.11
N SER B 129 -23.08 2.82 0.57
CA SER B 129 -22.59 2.99 1.93
C SER B 129 -21.35 3.89 1.94
N PHE B 130 -20.52 3.80 0.90
CA PHE B 130 -19.39 4.73 0.72
C PHE B 130 -19.89 6.14 0.46
N GLU B 131 -20.84 6.29 -0.47
CA GLU B 131 -21.26 7.64 -0.82
C GLU B 131 -21.96 8.32 0.33
N GLN B 132 -22.46 7.54 1.30
CA GLN B 132 -23.05 8.17 2.47
C GLN B 132 -22.03 8.96 3.27
N LEU B 133 -20.78 8.46 3.35
CA LEU B 133 -19.73 9.15 4.08
C LEU B 133 -19.02 10.18 3.21
N ASN B 134 -19.17 10.10 1.90
CA ASN B 134 -18.56 11.12 1.04
C ASN B 134 -19.16 11.05 -0.36
N SER B 135 -20.03 12.04 -0.66
CA SER B 135 -20.82 12.05 -1.89
C SER B 135 -19.96 11.96 -3.14
N ARG B 136 -18.67 12.20 -3.01
CA ARG B 136 -17.72 12.11 -4.11
C ARG B 136 -16.99 10.78 -4.16
N ALA B 137 -17.34 9.81 -3.29
CA ALA B 137 -16.63 8.52 -3.28
C ALA B 137 -16.64 7.88 -4.66
N VAL B 138 -15.70 6.98 -4.90
CA VAL B 138 -15.57 6.39 -6.22
C VAL B 138 -15.47 4.87 -6.11
N ALA B 139 -16.05 4.19 -7.09
CA ALA B 139 -15.91 2.74 -7.22
C ALA B 139 -15.21 2.42 -8.53
N VAL B 140 -14.01 1.81 -8.41
CA VAL B 140 -13.26 1.36 -9.58
C VAL B 140 -13.35 -0.15 -9.76
N VAL B 141 -13.46 -0.56 -11.01
CA VAL B 141 -13.55 -1.95 -11.41
C VAL B 141 -12.54 -2.15 -12.52
N VAL B 142 -11.69 -3.15 -12.36
CA VAL B 142 -10.72 -3.50 -13.40
C VAL B 142 -10.97 -4.94 -13.87
N ASP B 143 -10.84 -5.19 -15.18
CA ASP B 143 -10.83 -6.55 -15.71
C ASP B 143 -9.40 -7.04 -15.96
N PRO B 144 -8.81 -7.82 -15.05
CA PRO B 144 -7.50 -8.42 -15.32
C PRO B 144 -7.41 -9.27 -16.57
N ILE B 145 -8.50 -9.93 -16.99
CA ILE B 145 -8.41 -10.84 -18.15
C ILE B 145 -8.38 -10.03 -19.44
N GLN B 146 -9.29 -9.08 -19.59
CA GLN B 146 -9.35 -8.36 -20.84
C GLN B 146 -8.23 -7.35 -20.97
N SER B 147 -7.63 -6.93 -19.85
CA SER B 147 -6.51 -5.99 -19.88
C SER B 147 -5.30 -6.68 -20.51
N VAL B 148 -4.82 -6.12 -21.62
CA VAL B 148 -3.68 -6.66 -22.33
C VAL B 148 -2.81 -5.52 -22.83
N LYS B 149 -1.64 -5.86 -23.34
CA LYS B 149 -0.73 -4.84 -23.84
C LYS B 149 -1.48 -3.96 -24.86
N GLY B 150 -1.57 -2.65 -24.56
CA GLY B 150 -2.24 -1.71 -25.43
C GLY B 150 -3.71 -1.52 -25.13
N LYS B 151 -4.28 -2.30 -24.22
CA LYS B 151 -5.68 -2.18 -23.81
C LYS B 151 -5.78 -2.48 -22.32
N VAL B 152 -5.93 -1.44 -21.53
CA VAL B 152 -6.18 -1.57 -20.10
C VAL B 152 -7.69 -1.40 -19.92
N VAL B 153 -8.34 -2.40 -19.34
CA VAL B 153 -9.80 -2.42 -19.18
C VAL B 153 -10.10 -2.10 -17.71
N ILE B 154 -10.41 -0.83 -17.45
CA ILE B 154 -10.67 -0.30 -16.12
C ILE B 154 -11.71 0.80 -16.23
N ASP B 155 -12.43 1.05 -15.14
CA ASP B 155 -13.44 2.11 -15.18
C ASP B 155 -13.75 2.56 -13.76
N ALA B 156 -14.28 3.79 -13.65
CA ALA B 156 -14.65 4.35 -12.35
C ALA B 156 -16.10 4.76 -12.40
N PHE B 157 -16.81 4.53 -11.29
CA PHE B 157 -18.26 4.72 -11.24
C PHE B 157 -18.66 5.39 -9.94
N ARG B 158 -19.86 5.97 -9.98
CA ARG B 158 -20.54 6.57 -8.84
C ARG B 158 -22.05 6.47 -9.04
N LEU B 159 -22.80 6.60 -7.94
CA LEU B 159 -24.25 6.45 -7.94
C LEU B 159 -24.95 7.80 -7.92
N ILE B 160 -26.29 7.73 -7.81
CA ILE B 160 -27.18 8.85 -7.48
C ILE B 160 -28.43 8.24 -6.84
N ARG B 195 -30.15 1.97 -7.11
CA ARG B 195 -29.94 3.27 -7.74
C ARG B 195 -28.96 3.14 -8.89
N HIS B 196 -29.30 3.70 -10.06
CA HIS B 196 -28.42 3.61 -11.23
C HIS B 196 -27.03 4.17 -10.88
N TYR B 197 -26.10 4.05 -11.84
CA TYR B 197 -24.75 4.55 -11.65
C TYR B 197 -24.25 5.08 -12.99
N TYR B 198 -23.19 5.89 -12.92
CA TYR B 198 -22.59 6.49 -14.10
C TYR B 198 -21.07 6.34 -14.04
N SER B 199 -20.46 6.44 -15.23
CA SER B 199 -19.02 6.28 -15.43
C SER B 199 -18.28 7.64 -15.44
N LEU B 200 -17.19 7.71 -14.68
CA LEU B 200 -16.31 8.88 -14.61
C LEU B 200 -15.09 8.65 -15.50
N ASN B 201 -14.69 9.70 -16.21
CA ASN B 201 -13.48 9.64 -17.03
C ASN B 201 -12.26 9.38 -16.16
N ILE B 202 -11.34 8.58 -16.69
CA ILE B 202 -10.10 8.20 -16.01
C ILE B 202 -8.91 8.70 -16.81
N ASP B 203 -7.99 9.36 -16.11
CA ASP B 203 -6.76 9.90 -16.68
C ASP B 203 -5.61 9.69 -15.68
N TYR B 204 -4.38 10.04 -16.06
CA TYR B 204 -3.20 9.72 -15.25
C TYR B 204 -2.27 10.91 -15.20
N HIS B 205 -1.82 11.26 -13.99
CA HIS B 205 -0.86 12.40 -13.82
C HIS B 205 0.63 12.04 -14.10
N THR B 207 3.67 12.70 -13.56
CA THR B 207 4.85 13.51 -13.18
C THR B 207 6.13 13.16 -13.96
N ALA B 208 7.05 14.15 -14.06
CA ALA B 208 8.37 13.91 -14.65
C ALA B 208 9.17 12.84 -13.89
N LYS B 209 9.17 12.89 -12.55
CA LYS B 209 9.92 11.91 -11.76
C LYS B 209 9.45 10.48 -12.08
N GLU B 210 8.12 10.25 -12.11
CA GLU B 210 7.63 8.88 -12.37
C GLU B 210 7.96 8.45 -13.80
N THR B 211 7.94 9.40 -14.72
CA THR B 211 8.01 9.04 -16.12
C THR B 211 9.42 8.57 -16.49
N LYS B 212 10.46 9.34 -16.12
CA LYS B 212 11.83 8.87 -16.35
C LYS B 212 12.01 7.50 -15.67
N MET B 213 11.49 7.36 -14.44
CA MET B 213 11.66 6.10 -13.73
C MET B 213 11.05 4.96 -14.53
N LEU B 214 9.82 5.14 -15.03
CA LEU B 214 9.18 4.10 -15.83
C LEU B 214 9.98 3.76 -17.10
N MET B 215 10.56 4.77 -17.76
CA MET B 215 11.31 4.50 -18.99
C MET B 215 12.52 3.61 -18.77
N ASN B 216 12.88 3.28 -17.52
CA ASN B 216 13.99 2.38 -17.23
C ASN B 216 13.67 0.92 -17.54
N LEU B 217 12.40 0.56 -17.62
CA LEU B 217 11.99 -0.74 -18.16
C LEU B 217 12.09 -0.73 -19.68
N HIS B 218 12.97 -1.55 -20.23
CA HIS B 218 13.31 -1.48 -21.68
C HIS B 218 14.11 -0.20 -22.00
N MET C 1 -22.70 11.77 27.53
CA MET C 1 -21.26 12.09 27.23
C MET C 1 -20.96 12.09 25.73
N GLN C 2 -20.03 12.95 25.33
CA GLN C 2 -19.72 13.18 23.92
C GLN C 2 -18.54 12.31 23.50
N ILE C 3 -18.72 11.55 22.41
CA ILE C 3 -17.66 10.75 21.80
C ILE C 3 -17.52 11.15 20.33
N PHE C 4 -16.53 10.55 19.66
CA PHE C 4 -16.21 10.84 18.25
C PHE C 4 -16.03 9.54 17.48
N VAL C 5 -16.44 9.56 16.22
CA VAL C 5 -16.38 8.39 15.35
C VAL C 5 -15.82 8.85 14.02
N LYS C 6 -14.51 8.67 13.83
CA LYS C 6 -13.84 9.07 12.61
C LYS C 6 -13.89 7.94 11.60
N THR C 7 -13.98 8.32 10.32
CA THR C 7 -14.03 7.34 9.24
C THR C 7 -12.73 7.41 8.44
N LEU C 8 -12.49 6.34 7.69
CA LEU C 8 -11.28 6.23 6.90
C LEU C 8 -11.23 7.24 5.75
N THR C 9 -12.35 7.92 5.48
CA THR C 9 -12.47 8.96 4.47
C THR C 9 -12.26 10.37 5.00
N GLY C 10 -11.95 10.53 6.30
CA GLY C 10 -11.67 11.80 6.90
C GLY C 10 -12.84 12.41 7.64
N LYS C 11 -14.06 12.23 7.11
CA LYS C 11 -15.24 12.79 7.78
C LYS C 11 -15.35 12.24 9.20
N THR C 12 -15.55 13.11 10.17
CA THR C 12 -15.70 12.69 11.54
C THR C 12 -17.12 12.98 12.04
N ILE C 13 -17.65 12.05 12.81
CA ILE C 13 -19.00 12.13 13.32
C ILE C 13 -18.95 12.15 14.83
N THR C 14 -19.80 12.96 15.43
CA THR C 14 -19.87 13.11 16.88
C THR C 14 -21.17 12.50 17.39
N LEU C 15 -21.08 11.71 18.46
CA LEU C 15 -22.22 11.07 19.09
C LEU C 15 -22.22 11.38 20.58
N GLU C 16 -23.43 11.53 21.15
CA GLU C 16 -23.59 11.65 22.60
C GLU C 16 -24.28 10.39 23.11
N VAL C 17 -23.61 9.66 23.99
CA VAL C 17 -24.10 8.35 24.44
C VAL C 17 -23.94 8.21 25.95
N GLU C 18 -24.14 6.98 26.45
CA GLU C 18 -23.88 6.65 27.85
C GLU C 18 -23.21 5.28 27.92
N SER C 19 -22.33 5.10 28.92
CA SER C 19 -21.58 3.85 29.05
C SER C 19 -22.48 2.63 29.22
N SER C 20 -23.79 2.82 29.37
CA SER C 20 -24.75 1.73 29.40
C SER C 20 -25.43 1.64 28.03
N ASP C 21 -24.63 1.20 27.05
CA ASP C 21 -25.05 1.08 25.65
C ASP C 21 -24.34 -0.13 25.01
N THR C 22 -25.13 -1.03 24.41
CA THR C 22 -24.61 -2.20 23.69
C THR C 22 -24.06 -1.81 22.33
N ILE C 23 -23.04 -2.53 21.88
CA ILE C 23 -22.44 -2.27 20.57
C ILE C 23 -23.48 -2.42 19.47
N ASP C 24 -24.44 -3.32 19.67
CA ASP C 24 -25.54 -3.46 18.72
C ASP C 24 -26.32 -2.14 18.59
N ASN C 25 -26.56 -1.46 19.71
CA ASN C 25 -27.37 -0.24 19.70
C ASN C 25 -26.54 0.97 19.27
N VAL C 26 -25.23 0.93 19.47
CA VAL C 26 -24.36 2.01 19.01
C VAL C 26 -24.34 2.10 17.49
N LYS C 27 -24.29 0.94 16.82
CA LYS C 27 -24.38 0.93 15.36
C LYS C 27 -25.72 1.52 14.91
N SER C 28 -26.82 1.18 15.62
CA SER C 28 -28.08 1.81 15.27
C SER C 28 -28.02 3.32 15.47
N LYS C 29 -27.39 3.78 16.56
CA LYS C 29 -27.19 5.23 16.77
C LYS C 29 -26.33 5.89 15.69
N ILE C 30 -25.56 5.10 14.92
CA ILE C 30 -24.83 5.66 13.76
C ILE C 30 -25.74 5.75 12.53
N GLN C 31 -26.61 4.76 12.29
CA GLN C 31 -27.47 4.79 11.12
C GLN C 31 -28.40 6.02 11.07
N ASP C 32 -28.67 6.66 12.21
CA ASP C 32 -29.61 7.78 12.29
C ASP C 32 -29.04 9.04 11.66
N LYS C 33 -27.75 9.28 11.82
CA LYS C 33 -27.08 10.51 11.39
C LYS C 33 -26.42 10.40 10.03
N GLU C 34 -26.26 9.18 9.49
CA GLU C 34 -25.66 9.03 8.16
C GLU C 34 -26.35 7.99 7.27
N GLY C 35 -27.24 7.15 7.79
CA GLY C 35 -28.03 6.25 6.96
C GLY C 35 -27.41 4.90 6.66
N ILE C 36 -26.36 4.49 7.36
CA ILE C 36 -25.69 3.22 7.02
C ILE C 36 -26.33 2.10 7.84
N PRO C 37 -26.83 1.02 7.22
CA PRO C 37 -27.38 -0.10 7.99
C PRO C 37 -26.38 -0.61 9.00
N PRO C 38 -26.84 -1.01 10.18
CA PRO C 38 -25.88 -1.57 11.15
C PRO C 38 -25.15 -2.78 10.64
N ASP C 39 -25.81 -3.63 9.83
CA ASP C 39 -25.21 -4.86 9.34
C ASP C 39 -23.95 -4.59 8.52
N GLN C 40 -23.79 -3.35 8.03
CA GLN C 40 -22.66 -2.92 7.23
C GLN C 40 -21.63 -2.14 8.03
N GLN C 41 -21.73 -2.10 9.35
CA GLN C 41 -20.81 -1.34 10.18
C GLN C 41 -19.91 -2.29 10.97
N ARG C 42 -18.64 -1.96 11.02
CA ARG C 42 -17.68 -2.68 11.85
C ARG C 42 -16.99 -1.66 12.73
N LEU C 43 -17.15 -1.81 14.04
CA LEU C 43 -16.65 -0.82 14.97
C LEU C 43 -15.31 -1.28 15.54
N ILE C 44 -14.35 -0.36 15.59
CA ILE C 44 -13.00 -0.68 16.04
C ILE C 44 -12.65 0.28 17.18
N PHE C 45 -11.92 -0.24 18.16
CA PHE C 45 -11.45 0.60 19.26
C PHE C 45 -10.29 -0.09 19.95
N ALA C 46 -9.15 0.61 20.06
CA ALA C 46 -7.95 0.04 20.64
C ALA C 46 -7.68 -1.34 20.06
N GLY C 47 -7.55 -1.40 18.73
CA GLY C 47 -7.22 -2.62 18.02
C GLY C 47 -8.28 -3.71 18.02
N LYS C 48 -9.39 -3.53 18.76
CA LYS C 48 -10.44 -4.52 18.92
C LYS C 48 -11.67 -4.20 18.05
N GLN C 49 -12.18 -5.21 17.36
CA GLN C 49 -13.49 -5.08 16.73
C GLN C 49 -14.57 -5.23 17.80
N LEU C 50 -15.37 -4.20 17.98
CA LEU C 50 -16.44 -4.26 18.96
C LEU C 50 -17.48 -5.28 18.51
N GLU C 51 -17.86 -6.16 19.45
CA GLU C 51 -18.88 -7.18 19.23
C GLU C 51 -20.24 -6.66 19.66
N ASP C 52 -21.27 -6.98 18.88
CA ASP C 52 -22.61 -6.41 19.09
C ASP C 52 -23.16 -6.71 20.48
N GLY C 53 -22.75 -7.82 21.09
CA GLY C 53 -23.39 -8.24 22.34
C GLY C 53 -23.00 -7.40 23.53
N ARG C 54 -21.72 -6.97 23.58
CA ARG C 54 -21.21 -6.29 24.76
C ARG C 54 -21.61 -4.82 24.78
N THR C 55 -21.35 -4.18 25.91
CA THR C 55 -21.65 -2.79 26.17
C THR C 55 -20.35 -1.99 26.20
N LEU C 56 -20.49 -0.67 26.41
CA LEU C 56 -19.31 0.18 26.51
C LEU C 56 -18.52 -0.13 27.78
N SER C 57 -19.18 -0.60 28.84
CA SER C 57 -18.46 -0.97 30.05
C SER C 57 -17.53 -2.16 29.83
N ASP C 58 -17.84 -3.01 28.84
CA ASP C 58 -16.97 -4.13 28.52
C ASP C 58 -15.71 -3.68 27.80
N TYR C 59 -15.78 -2.54 27.11
CA TYR C 59 -14.63 -1.99 26.39
C TYR C 59 -14.03 -0.77 27.06
N ASN C 60 -14.58 -0.34 28.19
CA ASN C 60 -14.01 0.77 28.96
C ASN C 60 -13.96 2.07 28.14
N ILE C 61 -14.95 2.25 27.27
CA ILE C 61 -14.98 3.43 26.40
C ILE C 61 -15.57 4.59 27.20
N GLN C 62 -14.72 5.55 27.54
CA GLN C 62 -15.13 6.69 28.36
C GLN C 62 -15.48 7.88 27.45
N LYS C 63 -15.71 9.04 28.07
CA LYS C 63 -16.18 10.21 27.32
C LYS C 63 -15.04 10.84 26.52
N GLU C 64 -15.39 11.36 25.35
CA GLU C 64 -14.48 11.93 24.35
C GLU C 64 -13.59 10.87 23.69
N SER C 65 -13.84 9.58 23.92
CA SER C 65 -13.12 8.52 23.23
C SER C 65 -13.40 8.58 21.73
N THR C 66 -12.47 8.02 20.95
CA THR C 66 -12.56 8.03 19.50
C THR C 66 -12.69 6.60 19.00
N LEU C 67 -13.80 6.30 18.34
CA LEU C 67 -14.00 5.05 17.62
C LEU C 67 -13.61 5.22 16.15
N HIS C 68 -13.47 4.09 15.46
CA HIS C 68 -13.14 4.08 14.05
C HIS C 68 -14.11 3.15 13.35
N LEU C 69 -14.78 3.65 12.33
CA LEU C 69 -15.77 2.88 11.58
C LEU C 69 -15.13 2.33 10.31
N VAL C 70 -15.15 1.01 10.19
CA VAL C 70 -14.83 0.35 8.92
C VAL C 70 -16.13 -0.21 8.35
N LEU C 71 -16.23 -0.23 7.04
CA LEU C 71 -17.39 -0.80 6.39
C LEU C 71 -17.18 -2.24 5.95
N ARG C 72 -18.30 -2.93 5.84
CA ARG C 72 -18.35 -4.22 5.16
C ARG C 72 -17.97 -3.99 3.71
N LEU C 73 -17.00 -4.76 3.21
CA LEU C 73 -16.56 -4.61 1.83
C LEU C 73 -16.98 -5.85 1.07
N ARG C 74 -17.99 -5.67 0.22
CA ARG C 74 -18.52 -6.75 -0.59
C ARG C 74 -18.52 -6.34 -2.06
N GLY C 75 -17.91 -7.18 -2.87
CA GLY C 75 -17.95 -7.00 -4.31
C GLY C 75 -18.41 -8.27 -4.99
N GLY C 76 -19.09 -8.11 -6.12
CA GLY C 76 -19.31 -9.19 -7.06
C GLY C 76 -19.04 -8.80 -8.48
#